data_8B5D
#
_entry.id   8B5D
#
_cell.length_a   42.610
_cell.length_b   91.500
_cell.length_c   57.910
_cell.angle_alpha   90.000
_cell.angle_beta   107.810
_cell.angle_gamma   90.000
#
_symmetry.space_group_name_H-M   'P 1 21 1'
#
loop_
_entity.id
_entity.type
_entity.pdbx_description
1 polymer 'ABC transporter permease subunit'
2 non-polymer (4S)-2-METHYL-2,4-PENTANEDIOL
3 non-polymer GLYCEROL
4 non-polymer GLUTAMINE
5 non-polymer 'SODIUM ION'
6 non-polymer DI(HYDROXYETHYL)ETHER
7 water water
#
_entity_poly.entity_id   1
_entity_poly.type   'polypeptide(L)'
_entity_poly.pdbx_seq_one_letter_code
;ETTVKIASDSSYAPFEFQNGQKKWVGIDVDIMQEVAKINDWKLEMSYPGFDAALQNLKAGQVDGIIAGMTITDERKETFD
FSNPYYTSALTIATTKDSKLSDYSDLKGKAVGAKNGTAAQTWLQENQKKYGYTIKTYSDGVHMFAALSSGNIAGAMDDVP
VISYAMKQGQDLAMNFPSISLPGGYGFAVMKGKNSTLVDGFNKALAEMKSNGDYDKILKKYGITA
;
_entity_poly.pdbx_strand_id   A,B
#
loop_
_chem_comp.id
_chem_comp.type
_chem_comp.name
_chem_comp.formula
GOL non-polymer GLYCEROL 'C3 H8 O3'
MPD non-polymer (4S)-2-METHYL-2,4-PENTANEDIOL 'C6 H14 O2'
NA non-polymer 'SODIUM ION' 'Na 1'
PEG non-polymer DI(HYDROXYETHYL)ETHER 'C4 H10 O3'
#
# COMPACT_ATOMS: atom_id res chain seq x y z
N THR A 3 22.73 -24.64 -9.62
CA THR A 3 21.92 -23.48 -9.96
C THR A 3 20.56 -23.50 -9.19
N VAL A 4 19.92 -22.34 -9.12
CA VAL A 4 18.55 -22.19 -8.66
C VAL A 4 17.75 -21.59 -9.80
N LYS A 5 16.82 -22.37 -10.35
CA LYS A 5 16.02 -21.95 -11.48
C LYS A 5 14.63 -21.49 -11.01
N ILE A 6 14.27 -20.29 -11.40
CA ILE A 6 13.03 -19.65 -10.98
C ILE A 6 12.32 -19.19 -12.24
N ALA A 7 11.07 -19.59 -12.41
CA ALA A 7 10.30 -19.16 -13.56
C ALA A 7 9.35 -18.04 -13.17
N SER A 8 9.10 -17.14 -14.11
CA SER A 8 8.27 -15.96 -13.82
C SER A 8 7.36 -15.71 -15.03
N ASP A 9 6.51 -14.70 -14.92
CA ASP A 9 5.67 -14.25 -16.03
C ASP A 9 6.51 -13.54 -17.11
N SER A 10 5.96 -13.45 -18.31
CA SER A 10 6.63 -12.76 -19.41
C SER A 10 6.23 -11.30 -19.53
N SER A 11 5.04 -10.92 -19.06
CA SER A 11 4.64 -9.51 -19.12
C SER A 11 3.76 -9.23 -17.91
N TYR A 12 4.37 -8.70 -16.86
CA TYR A 12 3.64 -8.39 -15.62
C TYR A 12 4.30 -7.20 -14.92
N ALA A 13 4.49 -6.12 -15.65
CA ALA A 13 5.02 -4.89 -15.05
C ALA A 13 4.14 -4.42 -13.90
N PRO A 14 4.72 -3.97 -12.76
CA PRO A 14 6.14 -3.68 -12.46
C PRO A 14 6.89 -4.82 -11.76
N PHE A 15 6.32 -6.02 -11.72
CA PHE A 15 6.97 -7.14 -11.05
C PHE A 15 8.01 -7.81 -11.95
N GLU A 16 7.67 -8.07 -13.21
CA GLU A 16 8.65 -8.50 -14.20
C GLU A 16 8.16 -8.03 -15.56
N PHE A 17 9.10 -7.53 -16.34
CA PHE A 17 8.79 -6.94 -17.63
C PHE A 17 10.13 -6.54 -18.25
N GLN A 18 10.10 -6.22 -19.53
CA GLN A 18 11.30 -5.88 -20.25
C GLN A 18 11.36 -4.37 -20.42
N ASN A 19 12.55 -3.81 -20.30
CA ASN A 19 12.74 -2.38 -20.50
C ASN A 19 13.00 -2.11 -21.99
N GLY A 20 13.39 -0.89 -22.33
CA GLY A 20 13.58 -0.54 -23.73
C GLY A 20 14.71 -1.27 -24.43
N GLN A 21 15.73 -1.69 -23.68
CA GLN A 21 16.84 -2.47 -24.23
C GLN A 21 16.66 -3.97 -24.08
N LYS A 22 15.41 -4.43 -23.98
CA LYS A 22 15.08 -5.86 -23.93
C LYS A 22 15.54 -6.53 -22.65
N LYS A 23 15.77 -5.79 -21.58
CA LYS A 23 16.33 -6.34 -20.36
C LYS A 23 15.23 -6.58 -19.33
N TRP A 24 15.33 -7.71 -18.62
CA TRP A 24 14.34 -8.09 -17.62
C TRP A 24 14.56 -7.35 -16.31
N VAL A 25 13.56 -6.56 -15.92
CA VAL A 25 13.56 -5.68 -14.75
C VAL A 25 12.22 -5.88 -14.06
N GLY A 26 12.16 -5.43 -12.81
CA GLY A 26 10.90 -5.36 -12.11
C GLY A 26 11.10 -5.65 -10.63
N ILE A 27 10.03 -5.44 -9.87
CA ILE A 27 10.11 -5.71 -8.43
C ILE A 27 10.53 -7.15 -8.17
N ASP A 28 9.86 -8.12 -8.84
CA ASP A 28 10.16 -9.54 -8.61
C ASP A 28 11.58 -9.86 -9.01
N VAL A 29 12.06 -9.24 -10.08
CA VAL A 29 13.41 -9.49 -10.57
C VAL A 29 14.44 -8.97 -9.57
N ASP A 30 14.29 -7.71 -9.15
CA ASP A 30 15.22 -7.13 -8.17
C ASP A 30 15.23 -7.91 -6.87
N ILE A 31 14.05 -8.32 -6.38
CA ILE A 31 14.00 -9.06 -5.13
C ILE A 31 14.66 -10.44 -5.27
N MET A 32 14.34 -11.16 -6.34
CA MET A 32 14.87 -12.51 -6.47
C MET A 32 16.37 -12.48 -6.61
N GLN A 33 16.90 -11.56 -7.43
CA GLN A 33 18.35 -11.39 -7.57
C GLN A 33 18.97 -11.10 -6.22
N GLU A 34 18.30 -10.29 -5.42
CA GLU A 34 18.86 -9.95 -4.11
C GLU A 34 18.71 -11.13 -3.15
N VAL A 35 17.62 -11.89 -3.26
CA VAL A 35 17.51 -13.09 -2.44
C VAL A 35 18.66 -14.03 -2.74
N ALA A 36 19.00 -14.18 -4.04
CA ALA A 36 20.09 -15.05 -4.45
C ALA A 36 21.45 -14.55 -3.95
N LYS A 37 21.72 -13.24 -4.08
CA LYS A 37 23.00 -12.73 -3.58
C LYS A 37 23.12 -12.97 -2.09
N ILE A 38 22.10 -12.59 -1.32
CA ILE A 38 22.15 -12.76 0.13
C ILE A 38 22.37 -14.22 0.50
N ASN A 39 21.87 -15.14 -0.33
CA ASN A 39 21.94 -16.57 -0.03
C ASN A 39 23.01 -17.28 -0.83
N ASP A 40 23.71 -16.56 -1.71
CA ASP A 40 24.83 -17.11 -2.49
C ASP A 40 24.36 -18.23 -3.43
N TRP A 41 23.34 -17.93 -4.23
CA TRP A 41 22.73 -18.85 -5.17
C TRP A 41 23.07 -18.41 -6.59
N LYS A 42 23.36 -19.37 -7.45
CA LYS A 42 23.41 -19.04 -8.87
C LYS A 42 21.96 -19.02 -9.34
N LEU A 43 21.50 -17.85 -9.74
CA LEU A 43 20.10 -17.64 -10.04
C LEU A 43 19.92 -17.67 -11.54
N GLU A 44 19.05 -18.56 -12.00
CA GLU A 44 18.70 -18.66 -13.42
C GLU A 44 17.22 -18.37 -13.54
N MET A 45 16.89 -17.14 -13.91
CA MET A 45 15.52 -16.73 -14.15
C MET A 45 15.06 -17.14 -15.55
N SER A 46 13.80 -17.55 -15.66
CA SER A 46 13.11 -17.67 -16.95
C SER A 46 11.76 -16.98 -16.85
N TYR A 47 11.26 -16.51 -18.00
CA TYR A 47 10.03 -15.72 -18.07
C TYR A 47 9.07 -16.33 -19.09
N PRO A 48 8.63 -17.58 -18.88
CA PRO A 48 7.72 -18.18 -19.87
C PRO A 48 6.29 -17.68 -19.79
N GLY A 49 5.86 -17.08 -18.66
CA GLY A 49 4.45 -16.75 -18.50
C GLY A 49 3.89 -17.40 -17.23
N PHE A 50 2.74 -16.94 -16.73
CA PHE A 50 2.35 -17.37 -15.39
C PHE A 50 1.96 -18.83 -15.36
N ASP A 51 0.92 -19.22 -16.11
CA ASP A 51 0.55 -20.62 -16.10
C ASP A 51 1.62 -21.48 -16.78
N ALA A 52 2.45 -20.91 -17.65
CA ALA A 52 3.65 -21.61 -18.10
C ALA A 52 4.58 -21.90 -16.94
N ALA A 53 4.81 -20.89 -16.08
CA ALA A 53 5.66 -21.09 -14.92
C ALA A 53 5.10 -22.15 -13.98
N LEU A 54 3.79 -22.11 -13.73
CA LEU A 54 3.13 -23.15 -12.94
C LEU A 54 3.45 -24.55 -13.48
N GLN A 55 3.32 -24.76 -14.79
CA GLN A 55 3.59 -26.11 -15.25
CA GLN A 55 3.60 -26.06 -15.38
C GLN A 55 5.07 -26.43 -15.27
N ASN A 56 5.96 -25.46 -15.51
CA ASN A 56 7.40 -25.74 -15.35
C ASN A 56 7.73 -26.12 -13.90
N LEU A 57 7.08 -25.48 -12.93
CA LEU A 57 7.35 -25.82 -11.54
C LEU A 57 6.86 -27.24 -11.23
N LYS A 58 5.60 -27.55 -11.60
CA LYS A 58 5.04 -28.88 -11.31
C LYS A 58 5.79 -30.00 -12.03
N ALA A 59 6.39 -29.70 -13.18
CA ALA A 59 7.19 -30.69 -13.88
C ALA A 59 8.60 -30.83 -13.32
N GLY A 60 9.02 -29.95 -12.42
CA GLY A 60 10.39 -29.96 -11.98
C GLY A 60 11.37 -29.34 -12.94
N GLN A 61 10.91 -28.69 -13.99
CA GLN A 61 11.85 -28.00 -14.86
C GLN A 61 12.43 -26.75 -14.20
N VAL A 62 11.77 -26.18 -13.19
CA VAL A 62 12.32 -25.09 -12.40
C VAL A 62 12.11 -25.41 -10.93
N ASP A 63 12.79 -24.67 -10.07
CA ASP A 63 12.77 -24.97 -8.64
C ASP A 63 11.74 -24.20 -7.85
N GLY A 64 11.37 -23.00 -8.30
CA GLY A 64 10.35 -22.23 -7.64
C GLY A 64 9.88 -21.16 -8.59
N ILE A 65 8.92 -20.35 -8.13
CA ILE A 65 8.33 -19.29 -8.94
C ILE A 65 8.28 -17.99 -8.14
N ILE A 66 8.62 -16.87 -8.80
CA ILE A 66 8.28 -15.52 -8.37
C ILE A 66 7.62 -14.84 -9.57
N ALA A 67 6.33 -14.52 -9.44
CA ALA A 67 5.54 -14.03 -10.57
C ALA A 67 4.31 -13.26 -10.11
N GLY A 68 4.47 -12.37 -9.14
CA GLY A 68 3.30 -11.71 -8.56
C GLY A 68 2.27 -12.69 -8.09
N MET A 69 2.70 -13.82 -7.55
CA MET A 69 1.81 -14.94 -7.29
C MET A 69 1.11 -14.81 -5.95
N THR A 70 -0.22 -14.82 -5.98
CA THR A 70 -1.03 -14.67 -4.79
C THR A 70 -1.02 -15.95 -3.97
N ILE A 71 -0.77 -15.79 -2.68
CA ILE A 71 -0.89 -16.87 -1.70
C ILE A 71 -2.37 -17.08 -1.42
N THR A 72 -2.84 -18.30 -1.62
CA THR A 72 -4.22 -18.65 -1.31
C THR A 72 -4.27 -20.00 -0.62
N ASP A 73 -5.32 -20.23 0.18
CA ASP A 73 -5.42 -21.49 0.91
C ASP A 73 -5.51 -22.66 -0.06
N GLU A 74 -6.30 -22.52 -1.12
CA GLU A 74 -6.41 -23.58 -2.12
C GLU A 74 -5.06 -23.89 -2.76
N ARG A 75 -4.28 -22.84 -3.05
CA ARG A 75 -3.00 -23.02 -3.70
C ARG A 75 -2.03 -23.65 -2.72
N LYS A 76 -2.24 -23.51 -1.42
CA LYS A 76 -1.35 -24.06 -0.43
C LYS A 76 -1.42 -25.57 -0.37
N GLU A 77 -2.26 -26.16 -1.19
CA GLU A 77 -2.35 -27.60 -1.24
C GLU A 77 -1.44 -28.17 -2.30
N THR A 78 -0.94 -27.32 -3.19
CA THR A 78 -0.03 -27.75 -4.24
C THR A 78 1.32 -27.10 -4.06
N PHE A 79 1.35 -25.94 -3.46
CA PHE A 79 2.57 -25.17 -3.29
C PHE A 79 2.82 -24.87 -1.81
N ASP A 80 4.09 -24.68 -1.47
CA ASP A 80 4.51 -23.99 -0.25
C ASP A 80 4.95 -22.59 -0.62
N PHE A 81 4.62 -21.63 0.23
CA PHE A 81 4.87 -20.23 -0.04
C PHE A 81 5.80 -19.65 1.00
N SER A 82 6.59 -18.68 0.56
CA SER A 82 7.27 -17.78 1.47
C SER A 82 6.26 -16.91 2.21
N ASN A 83 6.78 -16.14 3.17
CA ASN A 83 6.08 -14.99 3.72
C ASN A 83 5.79 -14.00 2.60
N PRO A 84 4.64 -13.31 2.66
CA PRO A 84 4.30 -12.34 1.61
C PRO A 84 5.26 -11.18 1.56
N TYR A 85 5.47 -10.65 0.35
CA TYR A 85 6.35 -9.52 0.12
C TYR A 85 5.61 -8.40 -0.61
N TYR A 86 4.32 -8.56 -0.85
CA TYR A 86 3.49 -7.52 -1.45
C TYR A 86 2.05 -7.86 -1.11
N THR A 87 1.19 -6.85 -1.20
CA THR A 87 -0.24 -7.07 -1.09
C THR A 87 -0.83 -7.60 -2.41
N SER A 88 -2.01 -8.20 -2.31
CA SER A 88 -2.67 -8.84 -3.44
C SER A 88 -4.09 -8.33 -3.54
N ALA A 89 -4.40 -7.64 -4.65
CA ALA A 89 -5.73 -7.10 -4.90
C ALA A 89 -6.09 -7.23 -6.37
N LEU A 90 -7.37 -7.48 -6.64
CA LEU A 90 -7.94 -7.67 -7.97
C LEU A 90 -8.88 -6.52 -8.29
N THR A 91 -8.97 -6.15 -9.58
CA THR A 91 -10.06 -5.31 -10.07
C THR A 91 -10.23 -5.48 -11.58
N ILE A 92 -11.27 -4.84 -12.10
CA ILE A 92 -11.55 -4.87 -13.54
C ILE A 92 -10.85 -3.70 -14.22
N ALA A 93 -9.92 -4.01 -15.12
CA ALA A 93 -9.50 -3.03 -16.10
C ALA A 93 -10.56 -2.94 -17.20
N THR A 94 -10.81 -1.71 -17.65
CA THR A 94 -11.60 -1.45 -18.85
C THR A 94 -10.83 -0.43 -19.68
N THR A 95 -11.29 -0.17 -20.91
CA THR A 95 -10.72 0.96 -21.63
C THR A 95 -11.13 2.25 -20.94
N LYS A 96 -10.44 3.36 -21.25
CA LYS A 96 -10.83 4.62 -20.64
C LYS A 96 -12.25 5.02 -21.01
N ASP A 97 -12.66 4.79 -22.27
CA ASP A 97 -13.99 5.20 -22.71
C ASP A 97 -15.10 4.25 -22.27
N SER A 98 -14.85 3.37 -21.30
CA SER A 98 -15.87 2.43 -20.87
C SER A 98 -16.76 3.06 -19.81
N LYS A 99 -18.05 2.73 -19.86
CA LYS A 99 -19.05 3.24 -18.94
C LYS A 99 -19.41 2.23 -17.87
N LEU A 100 -18.74 1.09 -17.85
CA LEU A 100 -18.98 0.08 -16.84
C LEU A 100 -18.26 0.48 -15.57
N SER A 101 -18.88 0.19 -14.42
CA SER A 101 -18.27 0.61 -13.16
C SER A 101 -18.51 -0.35 -12.00
N ASP A 102 -19.55 -1.18 -12.10
CA ASP A 102 -19.90 -2.13 -11.04
C ASP A 102 -19.91 -3.55 -11.58
N TYR A 103 -19.72 -4.51 -10.67
CA TYR A 103 -19.68 -5.90 -11.12
C TYR A 103 -21.02 -6.33 -11.68
N SER A 104 -22.11 -5.67 -11.26
CA SER A 104 -23.44 -5.93 -11.80
C SER A 104 -23.56 -5.53 -13.27
N ASP A 105 -22.76 -4.57 -13.73
CA ASP A 105 -22.78 -4.21 -15.14
C ASP A 105 -22.28 -5.32 -16.06
N LEU A 106 -21.58 -6.32 -15.56
CA LEU A 106 -20.91 -7.32 -16.39
C LEU A 106 -21.82 -8.46 -16.80
N LYS A 107 -23.06 -8.48 -16.30
CA LYS A 107 -23.99 -9.54 -16.67
C LYS A 107 -24.17 -9.63 -18.18
N GLY A 108 -24.12 -10.85 -18.71
CA GLY A 108 -24.26 -11.06 -20.14
C GLY A 108 -23.11 -10.54 -20.98
N LYS A 109 -21.99 -10.18 -20.36
CA LYS A 109 -20.81 -9.69 -21.05
C LYS A 109 -19.65 -10.66 -20.85
N ALA A 110 -18.64 -10.52 -21.72
CA ALA A 110 -17.45 -11.34 -21.69
C ALA A 110 -16.39 -10.64 -20.87
N VAL A 111 -15.82 -11.35 -19.90
CA VAL A 111 -14.79 -10.79 -19.02
C VAL A 111 -13.55 -11.69 -19.08
N GLY A 112 -12.39 -11.08 -19.36
CA GLY A 112 -11.17 -11.83 -19.47
C GLY A 112 -10.51 -12.13 -18.14
N ALA A 113 -9.71 -13.19 -18.14
CA ALA A 113 -8.82 -13.54 -17.05
C ALA A 113 -7.70 -14.39 -17.62
N LYS A 114 -6.50 -14.24 -17.07
CA LYS A 114 -5.39 -15.10 -17.44
C LYS A 114 -5.52 -16.48 -16.82
N ASN A 115 -5.10 -17.50 -17.56
CA ASN A 115 -5.34 -18.87 -17.12
C ASN A 115 -4.55 -19.23 -15.87
N GLY A 116 -5.24 -19.87 -14.92
CA GLY A 116 -4.58 -20.33 -13.71
C GLY A 116 -4.42 -19.30 -12.62
N THR A 117 -4.98 -18.09 -12.79
CA THR A 117 -4.70 -16.97 -11.90
C THR A 117 -5.78 -16.76 -10.84
N ALA A 118 -5.46 -15.91 -9.84
CA ALA A 118 -6.46 -15.53 -8.84
C ALA A 118 -7.64 -14.80 -9.49
N ALA A 119 -7.38 -14.03 -10.55
CA ALA A 119 -8.48 -13.37 -11.27
C ALA A 119 -9.45 -14.41 -11.85
N GLN A 120 -8.93 -15.41 -12.55
CA GLN A 120 -9.80 -16.44 -13.10
C GLN A 120 -10.57 -17.17 -12.01
N THR A 121 -9.89 -17.49 -10.91
CA THR A 121 -10.59 -18.12 -9.79
C THR A 121 -11.73 -17.27 -9.26
N TRP A 122 -11.49 -15.99 -8.98
CA TRP A 122 -12.56 -15.12 -8.47
C TRP A 122 -13.70 -15.03 -9.50
N LEU A 123 -13.36 -14.82 -10.77
CA LEU A 123 -14.39 -14.80 -11.80
C LEU A 123 -15.22 -16.08 -11.77
N GLN A 124 -14.56 -17.24 -11.65
CA GLN A 124 -15.31 -18.50 -11.58
C GLN A 124 -16.18 -18.58 -10.33
N GLU A 125 -15.66 -18.11 -9.18
CA GLU A 125 -16.40 -18.18 -7.93
C GLU A 125 -17.59 -17.22 -7.95
N ASN A 126 -17.48 -16.10 -8.65
CA ASN A 126 -18.55 -15.11 -8.64
C ASN A 126 -19.40 -15.11 -9.90
N GLN A 127 -19.26 -16.13 -10.77
CA GLN A 127 -19.96 -16.15 -12.05
C GLN A 127 -21.47 -16.23 -11.86
N LYS A 128 -21.94 -17.13 -10.99
CA LYS A 128 -23.39 -17.24 -10.78
C LYS A 128 -23.94 -15.96 -10.18
N LYS A 129 -23.12 -15.22 -9.49
CA LYS A 129 -23.57 -14.00 -8.84
C LYS A 129 -23.80 -12.90 -9.86
N TYR A 130 -22.91 -12.74 -10.82
CA TYR A 130 -22.98 -11.61 -11.73
C TYR A 130 -23.33 -11.96 -13.19
N GLY A 131 -23.35 -13.23 -13.56
CA GLY A 131 -23.77 -13.63 -14.89
C GLY A 131 -22.90 -13.22 -16.06
N TYR A 132 -21.59 -13.04 -15.86
CA TYR A 132 -20.72 -12.80 -17.01
C TYR A 132 -20.28 -14.15 -17.63
N THR A 133 -19.63 -14.05 -18.79
CA THR A 133 -18.96 -15.17 -19.43
C THR A 133 -17.47 -14.91 -19.31
N ILE A 134 -16.69 -15.95 -18.99
CA ILE A 134 -15.25 -15.85 -18.77
C ILE A 134 -14.51 -16.26 -20.04
N LYS A 135 -13.71 -15.35 -20.59
CA LYS A 135 -12.73 -15.65 -21.62
C LYS A 135 -11.37 -15.82 -20.96
N THR A 136 -10.63 -16.86 -21.32
CA THR A 136 -9.35 -17.22 -20.74
C THR A 136 -8.22 -17.02 -21.73
N TYR A 137 -7.07 -16.54 -21.23
CA TYR A 137 -5.83 -16.40 -21.99
C TYR A 137 -4.66 -16.75 -21.07
N SER A 138 -3.73 -17.57 -21.57
CA SER A 138 -2.49 -17.75 -20.81
C SER A 138 -1.74 -16.43 -20.68
N ASP A 139 -1.70 -15.64 -21.76
CA ASP A 139 -0.83 -14.48 -21.85
C ASP A 139 -1.57 -13.17 -21.63
N GLY A 140 -0.95 -12.29 -20.84
CA GLY A 140 -1.53 -10.98 -20.58
C GLY A 140 -1.67 -10.15 -21.84
N VAL A 141 -0.69 -10.26 -22.74
CA VAL A 141 -0.77 -9.58 -24.05
C VAL A 141 -2.04 -9.94 -24.81
N HIS A 142 -2.42 -11.22 -24.79
CA HIS A 142 -3.64 -11.62 -25.48
C HIS A 142 -4.87 -11.07 -24.78
N MET A 143 -4.89 -11.14 -23.44
CA MET A 143 -6.06 -10.68 -22.70
C MET A 143 -6.31 -9.20 -22.96
N PHE A 144 -5.26 -8.38 -22.86
CA PHE A 144 -5.42 -6.94 -23.00
C PHE A 144 -5.63 -6.54 -24.45
N ALA A 145 -5.14 -7.34 -25.40
CA ALA A 145 -5.49 -7.12 -26.79
C ALA A 145 -6.99 -7.28 -27.00
N ALA A 146 -7.57 -8.35 -26.46
CA ALA A 146 -9.02 -8.51 -26.47
C ALA A 146 -9.73 -7.33 -25.82
N LEU A 147 -9.19 -6.83 -24.70
CA LEU A 147 -9.80 -5.69 -24.02
C LEU A 147 -9.82 -4.46 -24.91
N SER A 148 -8.68 -4.18 -25.54
CA SER A 148 -8.58 -3.04 -26.44
C SER A 148 -9.43 -3.21 -27.68
N SER A 149 -9.52 -4.44 -28.20
CA SER A 149 -10.32 -4.69 -29.39
C SER A 149 -11.80 -4.55 -29.12
N GLY A 150 -12.23 -4.57 -27.85
CA GLY A 150 -13.63 -4.52 -27.54
C GLY A 150 -14.30 -5.87 -27.43
N ASN A 151 -13.56 -6.97 -27.61
CA ASN A 151 -14.19 -8.28 -27.57
C ASN A 151 -14.50 -8.74 -26.16
N ILE A 152 -13.86 -8.15 -25.14
CA ILE A 152 -14.23 -8.35 -23.74
C ILE A 152 -14.55 -6.98 -23.14
N ALA A 153 -15.54 -6.98 -22.26
CA ALA A 153 -16.03 -5.78 -21.62
C ALA A 153 -15.11 -5.33 -20.50
N GLY A 154 -14.28 -6.23 -19.98
CA GLY A 154 -13.36 -5.95 -18.89
C GLY A 154 -12.42 -7.12 -18.77
N ALA A 155 -11.30 -6.87 -18.10
CA ALA A 155 -10.29 -7.90 -17.82
C ALA A 155 -9.94 -7.83 -16.35
N MET A 156 -10.17 -8.91 -15.63
CA MET A 156 -9.76 -8.88 -14.23
C MET A 156 -8.28 -9.18 -14.11
N ASP A 157 -7.58 -8.31 -13.38
CA ASP A 157 -6.17 -8.52 -13.14
C ASP A 157 -5.82 -7.78 -11.85
N ASP A 158 -4.56 -7.86 -11.44
CA ASP A 158 -4.17 -7.30 -10.16
C ASP A 158 -4.02 -5.78 -10.25
N VAL A 159 -4.47 -5.11 -9.17
CA VAL A 159 -4.45 -3.65 -9.11
C VAL A 159 -3.10 -3.04 -9.45
N PRO A 160 -1.98 -3.41 -8.79
CA PRO A 160 -0.70 -2.75 -9.12
C PRO A 160 -0.33 -2.85 -10.60
N VAL A 161 -0.68 -3.95 -11.28
CA VAL A 161 -0.31 -4.12 -12.67
C VAL A 161 -1.13 -3.20 -13.58
N ILE A 162 -2.44 -3.11 -13.35
CA ILE A 162 -3.29 -2.18 -14.09
C ILE A 162 -2.86 -0.74 -13.82
N SER A 163 -2.67 -0.40 -12.55
CA SER A 163 -2.26 0.95 -12.18
C SER A 163 -0.97 1.34 -12.89
N TYR A 164 0.03 0.46 -12.85
CA TYR A 164 1.33 0.75 -13.45
C TYR A 164 1.19 1.11 -14.92
N ALA A 165 0.36 0.37 -15.64
CA ALA A 165 0.21 0.59 -17.08
C ALA A 165 -0.62 1.82 -17.35
N MET A 166 -1.59 2.12 -16.48
CA MET A 166 -2.26 3.41 -16.55
C MET A 166 -1.26 4.53 -16.40
N LYS A 167 -0.25 4.34 -15.55
CA LYS A 167 0.79 5.33 -15.38
C LYS A 167 1.66 5.43 -16.61
N GLN A 168 1.63 4.42 -17.46
CA GLN A 168 2.39 4.44 -18.70
C GLN A 168 1.56 5.00 -19.84
N GLY A 169 0.33 5.40 -19.56
CA GLY A 169 -0.53 6.05 -20.53
C GLY A 169 -1.24 5.11 -21.47
N GLN A 170 -1.47 3.87 -21.05
CA GLN A 170 -2.20 2.91 -21.86
C GLN A 170 -3.70 3.13 -21.66
N ASP A 171 -4.47 2.73 -22.66
CA ASP A 171 -5.91 2.99 -22.66
C ASP A 171 -6.57 2.06 -21.64
N LEU A 172 -6.46 2.43 -20.37
CA LEU A 172 -6.99 1.61 -19.29
C LEU A 172 -7.57 2.51 -18.19
N ALA A 173 -8.65 2.05 -17.57
CA ALA A 173 -9.19 2.71 -16.39
C ALA A 173 -9.52 1.68 -15.32
N MET A 174 -9.63 2.12 -14.07
CA MET A 174 -10.07 1.27 -12.96
C MET A 174 -11.32 1.90 -12.34
N ASN A 175 -12.49 1.67 -12.94
CA ASN A 175 -13.74 2.22 -12.42
C ASN A 175 -14.46 1.31 -11.44
N PHE A 176 -14.01 0.09 -11.23
CA PHE A 176 -14.70 -0.88 -10.39
C PHE A 176 -14.13 -0.91 -8.98
N PRO A 177 -14.88 -1.39 -7.99
CA PRO A 177 -14.27 -1.64 -6.67
C PRO A 177 -13.20 -2.70 -6.80
N SER A 178 -12.27 -2.73 -5.83
CA SER A 178 -11.19 -3.71 -5.85
C SER A 178 -11.47 -4.80 -4.82
N ILE A 179 -10.99 -5.99 -5.10
CA ILE A 179 -11.14 -7.11 -4.17
C ILE A 179 -9.81 -7.33 -3.48
N SER A 180 -9.80 -7.20 -2.16
CA SER A 180 -8.57 -7.36 -1.41
C SER A 180 -8.41 -8.83 -1.07
N LEU A 181 -7.26 -9.40 -1.47
CA LEU A 181 -7.09 -10.78 -1.08
C LEU A 181 -6.08 -10.87 0.08
N PRO A 182 -6.35 -11.67 1.11
CA PRO A 182 -5.55 -11.57 2.33
C PRO A 182 -4.14 -12.14 2.23
N GLY A 183 -3.86 -13.02 1.26
CA GLY A 183 -2.61 -13.76 1.28
C GLY A 183 -1.38 -12.94 0.93
N GLY A 184 -1.51 -11.92 0.09
CA GLY A 184 -0.35 -11.24 -0.45
C GLY A 184 0.33 -12.12 -1.50
N TYR A 185 1.36 -11.55 -2.14
CA TYR A 185 2.23 -12.25 -3.09
C TYR A 185 3.35 -12.99 -2.38
N GLY A 186 3.59 -14.23 -2.80
CA GLY A 186 4.69 -15.00 -2.26
C GLY A 186 5.57 -15.64 -3.34
N PHE A 187 6.74 -16.05 -2.88
CA PHE A 187 7.61 -16.99 -3.59
C PHE A 187 7.06 -18.40 -3.37
N ALA A 188 6.98 -19.21 -4.44
CA ALA A 188 6.30 -20.50 -4.36
C ALA A 188 7.19 -21.66 -4.82
N VAL A 189 7.15 -22.76 -4.06
CA VAL A 189 7.75 -24.01 -4.49
C VAL A 189 6.70 -25.10 -4.39
N MET A 190 6.98 -26.25 -5.02
CA MET A 190 6.12 -27.43 -4.91
C MET A 190 6.03 -27.84 -3.44
N LYS A 191 4.83 -28.25 -3.02
CA LYS A 191 4.62 -28.56 -1.63
C LYS A 191 5.54 -29.69 -1.20
N GLY A 192 6.13 -29.55 -0.01
CA GLY A 192 7.10 -30.50 0.51
C GLY A 192 8.48 -30.45 -0.12
N LYS A 193 8.67 -29.69 -1.20
CA LYS A 193 9.95 -29.59 -1.88
C LYS A 193 10.67 -28.26 -1.60
N ASN A 194 11.99 -28.29 -1.74
CA ASN A 194 12.82 -27.09 -1.80
C ASN A 194 12.56 -26.17 -0.61
N SER A 195 12.29 -26.77 0.56
CA SER A 195 12.02 -26.02 1.77
C SER A 195 13.03 -24.92 2.03
N THR A 196 14.31 -25.17 1.74
CA THR A 196 15.33 -24.20 2.07
C THR A 196 15.35 -23.02 1.11
N LEU A 197 14.79 -23.17 -0.10
CA LEU A 197 14.55 -22.01 -0.93
C LEU A 197 13.56 -21.06 -0.26
N VAL A 198 12.51 -21.60 0.35
CA VAL A 198 11.53 -20.77 1.04
C VAL A 198 12.16 -20.09 2.24
N ASP A 199 12.95 -20.83 3.03
CA ASP A 199 13.65 -20.23 4.16
C ASP A 199 14.61 -19.14 3.71
N GLY A 200 15.40 -19.43 2.68
CA GLY A 200 16.32 -18.42 2.17
C GLY A 200 15.60 -17.19 1.71
N PHE A 201 14.43 -17.36 1.09
CA PHE A 201 13.63 -16.22 0.66
C PHE A 201 13.19 -15.41 1.86
N ASN A 202 12.62 -16.09 2.86
CA ASN A 202 12.20 -15.45 4.10
C ASN A 202 13.35 -14.71 4.77
N LYS A 203 14.50 -15.37 4.93
CA LYS A 203 15.60 -14.74 5.65
C LYS A 203 16.09 -13.51 4.89
N ALA A 204 16.24 -13.61 3.57
CA ALA A 204 16.69 -12.45 2.82
C ALA A 204 15.67 -11.33 2.85
N LEU A 205 14.39 -11.68 2.79
CA LEU A 205 13.36 -10.63 2.73
C LEU A 205 13.33 -9.84 4.03
N ALA A 206 13.42 -10.54 5.17
CA ALA A 206 13.47 -9.83 6.45
C ALA A 206 14.68 -8.91 6.53
N GLU A 207 15.83 -9.38 6.07
CA GLU A 207 17.01 -8.54 6.08
C GLU A 207 16.87 -7.38 5.11
N MET A 208 16.10 -7.58 4.04
CA MET A 208 15.92 -6.50 3.07
C MET A 208 14.96 -5.44 3.58
N LYS A 209 13.95 -5.85 4.35
CA LYS A 209 13.05 -4.91 5.02
C LYS A 209 13.78 -4.10 6.08
N SER A 210 14.52 -4.80 6.96
CA SER A 210 15.23 -4.12 8.05
C SER A 210 16.34 -3.19 7.54
N ASN A 211 17.10 -3.59 6.54
CA ASN A 211 18.15 -2.69 6.03
C ASN A 211 17.62 -1.70 4.98
N GLY A 212 16.33 -1.74 4.65
CA GLY A 212 15.74 -0.77 3.74
C GLY A 212 15.92 -1.02 2.24
N ASP A 213 16.58 -2.13 1.82
CA ASP A 213 16.64 -2.46 0.39
C ASP A 213 15.28 -2.80 -0.21
N TYR A 214 14.40 -3.41 0.58
CA TYR A 214 13.07 -3.72 0.09
C TYR A 214 12.36 -2.45 -0.36
N ASP A 215 12.31 -1.47 0.54
CA ASP A 215 11.71 -0.16 0.27
C ASP A 215 12.28 0.48 -0.98
N LYS A 216 13.61 0.39 -1.14
CA LYS A 216 14.25 1.03 -2.27
C LYS A 216 13.86 0.35 -3.58
N ILE A 217 13.69 -0.98 -3.57
CA ILE A 217 13.21 -1.66 -4.78
C ILE A 217 11.83 -1.14 -5.17
N LEU A 218 10.91 -1.04 -4.21
CA LEU A 218 9.57 -0.56 -4.56
C LEU A 218 9.62 0.87 -5.05
N LYS A 219 10.46 1.70 -4.43
CA LYS A 219 10.61 3.10 -4.84
C LYS A 219 11.00 3.20 -6.31
N LYS A 220 11.93 2.33 -6.77
CA LYS A 220 12.36 2.36 -8.18
C LYS A 220 11.20 2.40 -9.14
N TYR A 221 10.07 1.79 -8.79
CA TYR A 221 8.97 1.56 -9.72
C TYR A 221 7.78 2.44 -9.41
N GLY A 222 7.94 3.40 -8.51
CA GLY A 222 6.87 4.33 -8.22
C GLY A 222 5.96 3.91 -7.09
N ILE A 223 6.36 2.94 -6.27
CA ILE A 223 5.50 2.46 -5.19
C ILE A 223 6.00 3.03 -3.87
N THR A 224 5.08 3.69 -3.16
CA THR A 224 5.23 4.21 -1.79
C THR A 224 5.04 3.08 -0.78
N ALA A 225 6.13 2.43 -0.40
CA ALA A 225 6.12 1.63 0.83
C ALA A 225 7.06 2.28 1.83
N THR B 2 -27.68 15.95 13.41
CA THR B 2 -26.66 15.68 14.42
C THR B 2 -25.36 16.40 14.10
N THR B 3 -24.93 17.31 14.96
N THR B 3 -24.93 17.29 14.99
CA THR B 3 -23.66 17.99 14.74
CA THR B 3 -23.66 18.00 14.80
C THR B 3 -22.52 17.17 15.32
C THR B 3 -22.52 17.15 15.33
N VAL B 4 -21.44 17.03 14.55
CA VAL B 4 -20.28 16.21 14.90
C VAL B 4 -19.04 17.05 14.64
N LYS B 5 -18.30 17.35 15.70
CA LYS B 5 -17.11 18.18 15.58
C LYS B 5 -15.88 17.29 15.54
N ILE B 6 -15.06 17.47 14.49
CA ILE B 6 -13.94 16.60 14.19
C ILE B 6 -12.70 17.48 14.03
N ALA B 7 -11.64 17.16 14.80
CA ALA B 7 -10.40 17.90 14.79
C ALA B 7 -9.35 17.14 13.99
N SER B 8 -8.50 17.90 13.33
CA SER B 8 -7.51 17.30 12.47
C SER B 8 -6.21 18.08 12.61
N ASP B 9 -5.18 17.58 11.93
CA ASP B 9 -3.93 18.28 11.83
C ASP B 9 -4.11 19.48 10.90
N SER B 10 -3.17 20.43 11.00
CA SER B 10 -3.14 21.59 10.12
C SER B 10 -2.29 21.37 8.87
N SER B 11 -1.30 20.48 8.92
CA SER B 11 -0.46 20.27 7.73
C SER B 11 0.00 18.82 7.71
N TYR B 12 -0.74 17.98 7.00
CA TYR B 12 -0.42 16.57 6.94
C TYR B 12 -0.86 16.01 5.58
N ALA B 13 -0.47 16.68 4.50
CA ALA B 13 -0.75 16.17 3.15
C ALA B 13 -0.18 14.76 2.97
N PRO B 14 -0.93 13.84 2.35
CA PRO B 14 -2.17 14.03 1.56
C PRO B 14 -3.44 13.81 2.36
N PHE B 15 -3.35 13.70 3.69
CA PHE B 15 -4.53 13.41 4.50
C PHE B 15 -5.34 14.64 4.81
N GLU B 16 -4.68 15.73 5.19
CA GLU B 16 -5.34 17.03 5.30
C GLU B 16 -4.29 18.10 5.09
N PHE B 17 -4.70 19.14 4.37
CA PHE B 17 -3.83 20.21 3.92
C PHE B 17 -4.68 21.21 3.15
N GLN B 18 -4.09 22.35 2.88
CA GLN B 18 -4.76 23.43 2.19
C GLN B 18 -4.28 23.48 0.76
N ASN B 19 -5.18 23.77 -0.18
CA ASN B 19 -4.75 23.94 -1.56
C ASN B 19 -4.41 25.42 -1.77
N GLY B 20 -4.12 25.80 -3.02
CA GLY B 20 -3.71 27.16 -3.33
C GLY B 20 -4.76 28.18 -3.02
N GLN B 21 -6.03 27.78 -2.98
CA GLN B 21 -7.12 28.66 -2.61
C GLN B 21 -7.41 28.63 -1.12
N LYS B 22 -6.50 28.06 -0.31
CA LYS B 22 -6.66 27.98 1.14
C LYS B 22 -7.84 27.09 1.52
N LYS B 23 -8.13 26.11 0.68
CA LYS B 23 -9.26 25.21 0.87
C LYS B 23 -8.78 23.89 1.47
N TRP B 24 -9.52 23.39 2.45
CA TRP B 24 -9.14 22.17 3.16
C TRP B 24 -9.51 20.92 2.38
N VAL B 25 -8.49 20.12 2.06
CA VAL B 25 -8.62 18.95 1.22
C VAL B 25 -7.76 17.83 1.78
N GLY B 26 -8.03 16.62 1.32
CA GLY B 26 -7.16 15.50 1.58
C GLY B 26 -7.96 14.23 1.72
N ILE B 27 -7.23 13.12 1.84
CA ILE B 27 -7.85 11.81 2.05
C ILE B 27 -8.76 11.84 3.27
N ASP B 28 -8.27 12.35 4.40
CA ASP B 28 -9.07 12.35 5.61
C ASP B 28 -10.30 13.22 5.43
N VAL B 29 -10.17 14.33 4.72
CA VAL B 29 -11.29 15.26 4.57
C VAL B 29 -12.39 14.60 3.76
N ASP B 30 -12.00 13.96 2.64
CA ASP B 30 -12.95 13.26 1.79
C ASP B 30 -13.62 12.10 2.53
N ILE B 31 -12.86 11.33 3.30
CA ILE B 31 -13.44 10.21 4.03
C ILE B 31 -14.43 10.71 5.08
N MET B 32 -14.03 11.72 5.88
CA MET B 32 -14.94 12.26 6.91
C MET B 32 -16.19 12.85 6.30
N GLN B 33 -16.06 13.58 5.19
CA GLN B 33 -17.23 14.16 4.56
C GLN B 33 -18.21 13.09 4.13
N GLU B 34 -17.71 11.96 3.61
CA GLU B 34 -18.62 10.90 3.19
C GLU B 34 -19.16 10.12 4.37
N VAL B 35 -18.36 9.92 5.42
CA VAL B 35 -18.93 9.28 6.61
C VAL B 35 -20.08 10.10 7.14
N ALA B 36 -19.91 11.43 7.17
CA ALA B 36 -20.95 12.32 7.65
C ALA B 36 -22.17 12.28 6.74
N LYS B 37 -21.94 12.26 5.43
CA LYS B 37 -23.04 12.19 4.48
C LYS B 37 -23.83 10.90 4.65
N ILE B 38 -23.14 9.75 4.60
CA ILE B 38 -23.77 8.44 4.73
C ILE B 38 -24.53 8.33 6.04
N ASN B 39 -24.07 9.04 7.08
CA ASN B 39 -24.64 8.90 8.41
C ASN B 39 -25.54 10.04 8.80
N ASP B 40 -25.74 11.02 7.92
CA ASP B 40 -26.63 12.14 8.22
C ASP B 40 -26.10 13.03 9.34
N TRP B 41 -24.83 13.35 9.24
CA TRP B 41 -24.22 14.21 10.23
C TRP B 41 -23.86 15.52 9.63
N LYS B 42 -23.95 16.56 10.41
CA LYS B 42 -23.46 17.82 9.95
C LYS B 42 -22.05 17.85 10.46
N LEU B 43 -21.09 18.03 9.57
CA LEU B 43 -19.70 17.99 9.96
C LEU B 43 -19.05 19.33 10.21
N GLU B 44 -18.42 19.45 11.36
CA GLU B 44 -17.67 20.66 11.66
C GLU B 44 -16.22 20.31 11.83
N MET B 45 -15.49 20.42 10.75
CA MET B 45 -14.05 20.17 10.79
C MET B 45 -13.25 21.33 11.39
N SER B 46 -12.23 21.01 12.18
CA SER B 46 -11.23 21.99 12.59
C SER B 46 -9.84 21.42 12.34
N TYR B 47 -8.87 22.30 12.13
CA TYR B 47 -7.50 21.90 11.78
C TYR B 47 -6.47 22.54 12.72
N PRO B 48 -6.58 22.26 14.05
CA PRO B 48 -5.64 22.87 14.99
C PRO B 48 -4.24 22.26 14.99
N GLY B 49 -4.04 21.05 14.46
CA GLY B 49 -2.75 20.38 14.58
C GLY B 49 -2.93 19.05 15.28
N PHE B 50 -1.97 18.13 15.21
CA PHE B 50 -2.24 16.78 15.71
C PHE B 50 -2.38 16.73 17.23
N ASP B 51 -1.33 17.13 17.97
CA ASP B 51 -1.48 17.12 19.42
C ASP B 51 -2.46 18.20 19.91
N ALA B 52 -2.70 19.25 19.13
CA ALA B 52 -3.81 20.13 19.45
C ALA B 52 -5.14 19.38 19.41
N ALA B 53 -5.36 18.60 18.34
CA ALA B 53 -6.59 17.83 18.20
C ALA B 53 -6.78 16.84 19.35
N LEU B 54 -5.70 16.16 19.74
CA LEU B 54 -5.73 15.28 20.90
C LEU B 54 -6.26 16.00 22.15
N GLN B 55 -5.71 17.19 22.45
CA GLN B 55 -6.16 17.96 23.63
C GLN B 55 -7.62 18.40 23.51
N ASN B 56 -8.04 18.85 22.31
CA ASN B 56 -9.43 19.23 22.08
C ASN B 56 -10.38 18.07 22.27
N LEU B 57 -9.97 16.87 21.82
CA LEU B 57 -10.79 15.69 22.01
C LEU B 57 -10.89 15.34 23.48
N LYS B 58 -9.74 15.30 24.16
CA LYS B 58 -9.73 14.96 25.58
C LYS B 58 -10.46 16.00 26.40
N ALA B 59 -10.46 17.27 25.96
CA ALA B 59 -11.16 18.32 26.67
C ALA B 59 -12.66 18.35 26.38
N GLY B 60 -13.15 17.52 25.47
CA GLY B 60 -14.53 17.56 25.07
C GLY B 60 -14.90 18.71 24.15
N GLN B 61 -13.92 19.49 23.70
CA GLN B 61 -14.18 20.54 22.72
C GLN B 61 -14.50 20.00 21.33
N VAL B 62 -14.11 18.76 21.01
CA VAL B 62 -14.53 18.10 19.77
C VAL B 62 -14.98 16.70 20.14
N ASP B 63 -15.67 16.06 19.20
CA ASP B 63 -16.23 14.73 19.37
C ASP B 63 -15.31 13.63 18.85
N GLY B 64 -14.44 13.95 17.89
CA GLY B 64 -13.52 12.93 17.43
C GLY B 64 -12.37 13.51 16.65
N ILE B 65 -11.51 12.62 16.16
CA ILE B 65 -10.31 12.99 15.43
C ILE B 65 -10.19 12.14 14.18
N ILE B 66 -9.86 12.78 13.07
CA ILE B 66 -9.32 12.11 11.90
C ILE B 66 -8.06 12.89 11.50
N ALA B 67 -6.90 12.27 11.65
CA ALA B 67 -5.66 13.03 11.45
C ALA B 67 -4.47 12.12 11.14
N GLY B 68 -4.66 11.15 10.25
CA GLY B 68 -3.58 10.18 10.03
C GLY B 68 -3.12 9.53 11.31
N MET B 69 -4.08 9.26 12.21
CA MET B 69 -3.78 8.81 13.57
C MET B 69 -3.57 7.30 13.63
N THR B 70 -2.38 6.89 14.04
CA THR B 70 -2.10 5.47 14.12
C THR B 70 -2.81 4.85 15.32
N ILE B 71 -3.45 3.71 15.06
CA ILE B 71 -4.00 2.88 16.12
C ILE B 71 -2.85 2.16 16.81
N THR B 72 -2.74 2.34 18.12
CA THR B 72 -1.76 1.65 18.94
C THR B 72 -2.42 1.16 20.22
N ASP B 73 -1.87 0.08 20.77
CA ASP B 73 -2.46 -0.53 21.95
C ASP B 73 -2.43 0.44 23.13
N GLU B 74 -1.34 1.22 23.23
CA GLU B 74 -1.28 2.25 24.29
C GLU B 74 -2.42 3.26 24.09
N ARG B 75 -2.61 3.75 22.89
CA ARG B 75 -3.64 4.80 22.69
C ARG B 75 -5.04 4.25 23.03
N LYS B 76 -5.23 2.93 22.95
CA LYS B 76 -6.56 2.32 23.21
C LYS B 76 -6.93 2.47 24.69
N GLU B 77 -5.96 2.78 25.54
CA GLU B 77 -6.22 3.04 26.97
C GLU B 77 -6.93 4.39 27.11
N THR B 78 -6.77 5.27 26.13
CA THR B 78 -7.37 6.62 26.19
C THR B 78 -8.47 6.77 25.14
N PHE B 79 -8.37 6.05 24.03
CA PHE B 79 -9.31 6.29 22.94
C PHE B 79 -9.87 5.01 22.32
N ASP B 80 -11.06 5.11 21.73
CA ASP B 80 -11.61 4.04 20.91
C ASP B 80 -11.44 4.42 19.45
N PHE B 81 -11.07 3.43 18.63
CA PHE B 81 -10.80 3.70 17.22
C PHE B 81 -11.76 2.94 16.33
N SER B 82 -11.96 3.50 15.13
CA SER B 82 -12.59 2.79 14.04
C SER B 82 -11.71 1.63 13.55
N ASN B 83 -12.27 0.86 12.63
CA ASN B 83 -11.46 0.01 11.76
C ASN B 83 -10.45 0.85 11.00
N PRO B 84 -9.24 0.35 10.78
CA PRO B 84 -8.23 1.12 10.02
C PRO B 84 -8.67 1.37 8.58
N TYR B 85 -8.23 2.50 8.04
CA TYR B 85 -8.56 2.92 6.69
C TYR B 85 -7.30 3.27 5.89
N TYR B 86 -6.12 3.05 6.44
CA TYR B 86 -4.84 3.26 5.78
C TYR B 86 -3.79 2.54 6.63
N THR B 87 -2.66 2.21 6.01
CA THR B 87 -1.53 1.62 6.73
C THR B 87 -0.72 2.68 7.45
N SER B 88 0.11 2.24 8.39
CA SER B 88 0.89 3.15 9.21
C SER B 88 2.35 2.73 9.18
N ALA B 89 3.20 3.60 8.64
CA ALA B 89 4.62 3.32 8.57
C ALA B 89 5.42 4.58 8.84
N LEU B 90 6.54 4.43 9.54
CA LEU B 90 7.42 5.52 9.94
C LEU B 90 8.72 5.43 9.15
N THR B 91 9.34 6.59 8.88
CA THR B 91 10.74 6.64 8.46
C THR B 91 11.30 8.05 8.72
N ILE B 92 12.61 8.19 8.51
CA ILE B 92 13.35 9.44 8.63
C ILE B 92 13.32 10.20 7.32
N ALA B 93 12.75 11.39 7.33
CA ALA B 93 13.06 12.35 6.30
C ALA B 93 14.40 13.00 6.62
N THR B 94 15.21 13.17 5.58
CA THR B 94 16.42 13.97 5.61
C THR B 94 16.32 14.92 4.41
N THR B 95 17.23 15.89 4.33
CA THR B 95 17.30 16.70 3.12
C THR B 95 17.84 15.81 1.99
N LYS B 96 17.64 16.24 0.74
CA LYS B 96 18.13 15.41 -0.37
C LYS B 96 19.65 15.25 -0.31
N ASP B 97 20.36 16.31 0.04
CA ASP B 97 21.81 16.34 0.11
C ASP B 97 22.37 15.66 1.36
N SER B 98 21.56 14.89 2.08
CA SER B 98 22.05 14.23 3.29
C SER B 98 22.76 12.94 2.92
N LYS B 99 23.77 12.60 3.71
CA LYS B 99 24.51 11.35 3.52
C LYS B 99 24.06 10.28 4.47
N LEU B 100 23.08 10.58 5.32
CA LEU B 100 22.63 9.61 6.29
C LEU B 100 21.65 8.62 5.67
N SER B 101 21.74 7.37 6.11
CA SER B 101 20.92 6.27 5.61
C SER B 101 20.55 5.26 6.67
N ASP B 102 21.26 5.17 7.79
CA ASP B 102 20.95 4.18 8.81
C ASP B 102 20.68 4.84 10.16
N TYR B 103 19.89 4.13 10.97
CA TYR B 103 19.50 4.63 12.29
C TYR B 103 20.71 4.81 13.18
N SER B 104 21.72 3.97 13.02
CA SER B 104 22.91 4.14 13.83
C SER B 104 23.79 5.31 13.34
N ASP B 105 23.61 5.79 12.09
CA ASP B 105 24.20 7.08 11.72
C ASP B 105 23.73 8.22 12.59
N LEU B 106 22.67 8.04 13.37
CA LEU B 106 22.01 9.12 14.09
C LEU B 106 22.63 9.35 15.46
N LYS B 107 23.59 8.51 15.85
CA LYS B 107 24.22 8.63 17.16
C LYS B 107 24.80 10.02 17.33
N GLY B 108 24.48 10.65 18.47
CA GLY B 108 24.99 11.98 18.74
C GLY B 108 24.40 13.07 17.88
N LYS B 109 23.34 12.79 17.13
CA LYS B 109 22.69 13.80 16.32
C LYS B 109 21.30 14.08 16.86
N ALA B 110 20.73 15.20 16.43
CA ALA B 110 19.38 15.57 16.84
C ALA B 110 18.35 15.08 15.82
N VAL B 111 17.31 14.43 16.30
CA VAL B 111 16.27 13.88 15.43
C VAL B 111 14.91 14.44 15.84
N GLY B 112 14.18 14.97 14.88
CA GLY B 112 12.89 15.54 15.16
C GLY B 112 11.76 14.52 15.19
N ALA B 113 10.74 14.86 15.98
CA ALA B 113 9.47 14.16 15.97
C ALA B 113 8.40 15.12 16.43
N LYS B 114 7.20 14.98 15.88
CA LYS B 114 6.09 15.80 16.34
C LYS B 114 5.60 15.33 17.71
N ASN B 115 5.17 16.30 18.51
CA ASN B 115 4.78 15.95 19.87
C ASN B 115 3.51 15.10 19.87
N GLY B 116 3.53 14.03 20.64
CA GLY B 116 2.40 13.17 20.81
C GLY B 116 2.22 12.10 19.75
N THR B 117 3.15 11.96 18.80
CA THR B 117 2.98 11.09 17.66
C THR B 117 3.67 9.75 17.85
N ALA B 118 3.31 8.80 16.98
CA ALA B 118 3.97 7.49 16.94
C ALA B 118 5.45 7.66 16.65
N ALA B 119 5.81 8.64 15.82
CA ALA B 119 7.21 8.92 15.54
C ALA B 119 7.95 9.25 16.83
N GLN B 120 7.39 10.15 17.65
CA GLN B 120 7.99 10.49 18.93
C GLN B 120 8.08 9.29 19.87
N THR B 121 7.02 8.52 19.97
CA THR B 121 7.07 7.30 20.77
C THR B 121 8.18 6.34 20.30
N TRP B 122 8.27 6.09 18.99
CA TRP B 122 9.32 5.19 18.51
C TRP B 122 10.70 5.73 18.86
N LEU B 123 10.93 7.02 18.61
CA LEU B 123 12.22 7.62 18.94
C LEU B 123 12.54 7.41 20.42
N GLN B 124 11.56 7.64 21.30
CA GLN B 124 11.79 7.42 22.73
C GLN B 124 12.09 5.96 23.02
N GLU B 125 11.40 5.05 22.32
CA GLU B 125 11.57 3.61 22.55
C GLU B 125 12.95 3.13 22.15
N ASN B 126 13.51 3.72 21.11
CA ASN B 126 14.75 3.28 20.50
C ASN B 126 15.93 4.20 20.80
N GLN B 127 15.76 5.13 21.74
CA GLN B 127 16.79 6.13 21.97
C GLN B 127 18.05 5.50 22.55
N LYS B 128 17.90 4.69 23.61
CA LYS B 128 19.06 3.99 24.15
C LYS B 128 19.70 3.10 23.11
N LYS B 129 18.94 2.67 22.09
CA LYS B 129 19.53 1.82 21.06
C LYS B 129 20.42 2.61 20.11
N TYR B 130 20.02 3.80 19.71
CA TYR B 130 20.76 4.49 18.66
C TYR B 130 21.44 5.77 19.12
N GLY B 131 21.23 6.20 20.36
CA GLY B 131 21.94 7.35 20.94
C GLY B 131 21.72 8.72 20.31
N TYR B 132 20.56 8.97 19.72
CA TYR B 132 20.27 10.32 19.23
C TYR B 132 19.68 11.20 20.33
N THR B 133 19.52 12.48 19.99
CA THR B 133 18.81 13.45 20.81
C THR B 133 17.47 13.77 20.12
N ILE B 134 16.38 13.77 20.88
CA ILE B 134 15.05 14.00 20.34
C ILE B 134 14.68 15.47 20.50
N LYS B 135 14.43 16.13 19.37
CA LYS B 135 13.78 17.44 19.36
C LYS B 135 12.31 17.26 19.05
N THR B 136 11.49 17.98 19.80
CA THR B 136 10.04 17.91 19.71
C THR B 136 9.46 19.20 19.14
N TYR B 137 8.43 19.08 18.31
CA TYR B 137 7.68 20.21 17.79
C TYR B 137 6.23 19.79 17.75
N SER B 138 5.31 20.63 18.22
CA SER B 138 3.90 20.31 18.02
C SER B 138 3.58 20.24 16.52
N ASP B 139 4.15 21.16 15.74
CA ASP B 139 3.72 21.41 14.36
C ASP B 139 4.70 20.81 13.34
N GLY B 140 4.16 20.18 12.28
CA GLY B 140 5.03 19.66 11.24
C GLY B 140 5.84 20.74 10.56
N VAL B 141 5.24 21.91 10.37
CA VAL B 141 5.93 23.06 9.79
C VAL B 141 7.19 23.41 10.56
N HIS B 142 7.14 23.38 11.89
CA HIS B 142 8.34 23.68 12.69
C HIS B 142 9.40 22.60 12.54
N MET B 143 8.99 21.34 12.60
CA MET B 143 9.96 20.25 12.49
C MET B 143 10.64 20.29 11.11
N PHE B 144 9.86 20.47 10.06
CA PHE B 144 10.48 20.46 8.73
C PHE B 144 11.29 21.72 8.46
N ALA B 145 10.95 22.85 9.10
CA ALA B 145 11.83 24.01 9.05
C ALA B 145 13.17 23.72 9.73
N ALA B 146 13.13 23.05 10.88
CA ALA B 146 14.36 22.62 11.55
C ALA B 146 15.22 21.73 10.66
N LEU B 147 14.59 20.76 9.99
CA LEU B 147 15.35 19.84 9.15
C LEU B 147 16.00 20.57 7.99
N SER B 148 15.24 21.41 7.30
CA SER B 148 15.79 22.12 6.15
C SER B 148 16.82 23.15 6.58
N SER B 149 16.71 23.67 7.81
CA SER B 149 17.72 24.58 8.33
C SER B 149 19.00 23.87 8.69
N GLY B 150 18.97 22.54 8.83
CA GLY B 150 20.12 21.78 9.27
C GLY B 150 20.23 21.56 10.78
N ASN B 151 19.27 22.04 11.56
CA ASN B 151 19.40 21.96 13.01
C ASN B 151 19.11 20.57 13.57
N ILE B 152 18.38 19.74 12.82
CA ILE B 152 18.18 18.33 13.13
C ILE B 152 18.65 17.51 11.94
N ALA B 153 19.19 16.32 12.25
CA ALA B 153 19.77 15.46 11.22
C ALA B 153 18.72 14.70 10.41
N GLY B 154 17.53 14.55 10.98
CA GLY B 154 16.44 13.87 10.33
C GLY B 154 15.18 14.16 11.12
N ALA B 155 14.04 13.95 10.48
CA ALA B 155 12.74 14.10 11.12
C ALA B 155 11.95 12.83 10.88
N MET B 156 11.57 12.14 11.96
CA MET B 156 10.74 10.95 11.84
C MET B 156 9.30 11.36 11.64
N ASP B 157 8.68 10.81 10.60
CA ASP B 157 7.30 11.08 10.24
C ASP B 157 6.81 9.91 9.39
N ASP B 158 5.56 10.02 8.93
CA ASP B 158 4.94 8.88 8.26
C ASP B 158 5.32 8.82 6.78
N VAL B 159 5.61 7.61 6.29
CA VAL B 159 6.04 7.38 4.91
C VAL B 159 5.13 8.08 3.90
N PRO B 160 3.81 7.86 3.90
CA PRO B 160 2.97 8.55 2.91
C PRO B 160 3.08 10.05 2.96
N VAL B 161 3.27 10.65 4.14
CA VAL B 161 3.35 12.10 4.23
C VAL B 161 4.68 12.61 3.67
N ILE B 162 5.78 11.94 4.01
CA ILE B 162 7.07 12.31 3.42
C ILE B 162 7.05 12.10 1.91
N SER B 163 6.60 10.92 1.47
CA SER B 163 6.59 10.64 0.03
C SER B 163 5.79 11.70 -0.70
N TYR B 164 4.61 12.02 -0.19
CA TYR B 164 3.76 12.96 -0.91
C TYR B 164 4.47 14.31 -1.08
N ALA B 165 5.24 14.74 -0.08
CA ALA B 165 5.94 16.02 -0.16
C ALA B 165 7.13 15.94 -1.11
N MET B 166 7.78 14.78 -1.16
CA MET B 166 8.79 14.53 -2.19
C MET B 166 8.16 14.63 -3.58
N LYS B 167 6.93 14.10 -3.75
CA LYS B 167 6.22 14.17 -5.02
C LYS B 167 5.79 15.58 -5.37
N GLN B 168 5.79 16.50 -4.40
CA GLN B 168 5.54 17.90 -4.66
C GLN B 168 6.83 18.68 -4.84
N GLY B 169 7.97 18.00 -4.81
CA GLY B 169 9.23 18.65 -5.07
C GLY B 169 9.81 19.39 -3.89
N GLN B 170 9.49 18.95 -2.67
CA GLN B 170 10.13 19.52 -1.50
C GLN B 170 11.47 18.84 -1.28
N ASP B 171 12.38 19.54 -0.61
CA ASP B 171 13.77 19.09 -0.43
C ASP B 171 13.83 18.03 0.66
N LEU B 172 13.38 16.82 0.31
CA LEU B 172 13.30 15.69 1.23
C LEU B 172 13.73 14.42 0.51
N ALA B 173 14.36 13.51 1.25
CA ALA B 173 14.68 12.18 0.77
C ALA B 173 14.30 11.13 1.82
N MET B 174 14.12 9.90 1.38
CA MET B 174 13.83 8.78 2.28
C MET B 174 14.90 7.70 2.10
N ASN B 175 16.06 7.90 2.71
CA ASN B 175 17.17 6.96 2.60
C ASN B 175 17.17 5.90 3.68
N PHE B 176 16.30 5.99 4.66
CA PHE B 176 16.31 5.10 5.80
C PHE B 176 15.31 3.98 5.58
N PRO B 177 15.47 2.85 6.28
CA PRO B 177 14.41 1.83 6.30
C PRO B 177 13.11 2.38 6.89
N SER B 178 12.01 1.68 6.62
CA SER B 178 10.68 2.04 7.12
C SER B 178 10.30 1.15 8.30
N ILE B 179 9.57 1.71 9.26
CA ILE B 179 9.01 0.93 10.37
C ILE B 179 7.53 0.76 10.13
N SER B 180 7.10 -0.49 10.00
CA SER B 180 5.69 -0.82 9.77
C SER B 180 4.98 -0.95 11.12
N LEU B 181 3.92 -0.16 11.31
CA LEU B 181 3.15 -0.30 12.53
C LEU B 181 1.84 -1.02 12.22
N PRO B 182 1.46 -2.00 13.05
CA PRO B 182 0.39 -2.92 12.65
C PRO B 182 -1.01 -2.32 12.69
N GLY B 183 -1.22 -1.22 13.43
CA GLY B 183 -2.56 -0.76 13.68
C GLY B 183 -3.23 -0.08 12.52
N GLY B 184 -2.48 0.61 11.67
CA GLY B 184 -3.07 1.44 10.64
C GLY B 184 -3.63 2.73 11.23
N TYR B 185 -4.13 3.60 10.35
CA TYR B 185 -4.80 4.84 10.74
C TYR B 185 -6.28 4.60 11.05
N GLY B 186 -6.76 5.21 12.14
CA GLY B 186 -8.17 5.14 12.49
C GLY B 186 -8.78 6.49 12.80
N PHE B 187 -10.11 6.49 12.81
CA PHE B 187 -10.92 7.53 13.42
C PHE B 187 -10.94 7.28 14.94
N ALA B 188 -10.79 8.35 15.72
CA ALA B 188 -10.62 8.22 17.16
C ALA B 188 -11.66 9.03 17.93
N VAL B 189 -12.21 8.42 18.97
CA VAL B 189 -13.07 9.08 19.95
C VAL B 189 -12.51 8.79 21.33
N MET B 190 -13.01 9.50 22.34
CA MET B 190 -12.68 9.11 23.71
C MET B 190 -13.25 7.74 24.03
N LYS B 191 -12.46 6.94 24.74
CA LYS B 191 -12.83 5.57 25.02
C LYS B 191 -14.13 5.53 25.83
N GLY B 192 -15.01 4.60 25.46
CA GLY B 192 -16.30 4.52 26.09
C GLY B 192 -17.29 5.59 25.71
N LYS B 193 -16.88 6.58 24.90
CA LYS B 193 -17.75 7.63 24.41
C LYS B 193 -18.05 7.46 22.92
N ASN B 194 -19.19 8.03 22.51
CA ASN B 194 -19.47 8.25 21.09
C ASN B 194 -19.36 6.98 20.26
N SER B 195 -19.72 5.84 20.86
CA SER B 195 -19.67 4.57 20.17
C SER B 195 -20.38 4.63 18.82
N THR B 196 -21.47 5.39 18.71
CA THR B 196 -22.22 5.41 17.47
C THR B 196 -21.50 6.21 16.39
N LEU B 197 -20.59 7.12 16.76
CA LEU B 197 -19.70 7.72 15.77
C LEU B 197 -18.72 6.70 15.19
N VAL B 198 -18.20 5.80 16.04
CA VAL B 198 -17.31 4.75 15.54
C VAL B 198 -18.09 3.78 14.64
N ASP B 199 -19.30 3.38 15.06
CA ASP B 199 -20.16 2.54 14.21
C ASP B 199 -20.46 3.22 12.89
N GLY B 200 -20.82 4.49 12.93
CA GLY B 200 -21.07 5.21 11.71
C GLY B 200 -19.86 5.25 10.80
N PHE B 201 -18.68 5.42 11.39
CA PHE B 201 -17.45 5.45 10.61
C PHE B 201 -17.20 4.09 9.98
N ASN B 202 -17.21 3.04 10.80
CA ASN B 202 -17.04 1.68 10.30
C ASN B 202 -18.06 1.36 9.22
N LYS B 203 -19.34 1.64 9.49
CA LYS B 203 -20.37 1.27 8.52
C LYS B 203 -20.17 1.99 7.20
N ALA B 204 -19.81 3.28 7.25
CA ALA B 204 -19.59 4.04 6.03
C ALA B 204 -18.34 3.58 5.30
N LEU B 205 -17.28 3.26 6.05
CA LEU B 205 -16.03 2.88 5.41
C LEU B 205 -16.19 1.55 4.66
N ALA B 206 -16.91 0.59 5.26
CA ALA B 206 -17.18 -0.65 4.54
C ALA B 206 -17.97 -0.39 3.27
N GLU B 207 -18.98 0.48 3.37
CA GLU B 207 -19.78 0.84 2.21
C GLU B 207 -18.92 1.53 1.15
N MET B 208 -17.85 2.23 1.58
CA MET B 208 -16.98 2.95 0.67
C MET B 208 -16.02 2.00 -0.01
N LYS B 209 -15.57 0.98 0.71
CA LYS B 209 -14.78 -0.10 0.13
C LYS B 209 -15.64 -0.87 -0.88
N SER B 210 -16.88 -1.19 -0.51
CA SER B 210 -17.78 -1.98 -1.37
C SER B 210 -18.04 -1.30 -2.71
N ASN B 211 -18.39 -0.02 -2.69
CA ASN B 211 -18.76 0.74 -3.88
C ASN B 211 -17.58 1.39 -4.58
N GLY B 212 -16.36 1.24 -4.08
CA GLY B 212 -15.19 1.73 -4.76
C GLY B 212 -14.87 3.21 -4.58
N ASP B 213 -15.67 3.95 -3.81
CA ASP B 213 -15.36 5.35 -3.52
C ASP B 213 -14.07 5.47 -2.71
N TYR B 214 -13.79 4.49 -1.87
CA TYR B 214 -12.55 4.52 -1.10
C TYR B 214 -11.36 4.57 -2.06
N ASP B 215 -11.27 3.59 -2.96
CA ASP B 215 -10.24 3.59 -4.00
C ASP B 215 -10.20 4.92 -4.73
N LYS B 216 -11.38 5.50 -5.00
CA LYS B 216 -11.44 6.75 -5.74
C LYS B 216 -10.84 7.92 -4.95
N ILE B 217 -11.07 7.97 -3.65
CA ILE B 217 -10.46 9.06 -2.83
C ILE B 217 -8.94 8.94 -2.87
N LEU B 218 -8.43 7.72 -2.72
CA LEU B 218 -6.95 7.54 -2.67
C LEU B 218 -6.39 7.89 -4.05
N LYS B 219 -7.14 7.55 -5.11
CA LYS B 219 -6.73 7.87 -6.49
C LYS B 219 -6.49 9.37 -6.61
N LYS B 220 -7.41 10.17 -6.09
CA LYS B 220 -7.31 11.65 -6.21
C LYS B 220 -5.91 12.13 -5.83
N TYR B 221 -5.29 11.52 -4.81
CA TYR B 221 -3.99 12.04 -4.30
C TYR B 221 -2.82 11.18 -4.78
N GLY B 222 -3.06 10.24 -5.70
CA GLY B 222 -1.96 9.48 -6.31
C GLY B 222 -1.69 8.15 -5.64
N ILE B 223 -2.66 7.66 -4.86
CA ILE B 223 -2.45 6.39 -4.11
C ILE B 223 -3.33 5.33 -4.77
N THR B 224 -2.76 4.14 -5.01
CA THR B 224 -3.55 3.04 -5.61
C THR B 224 -4.78 2.76 -4.74
C1 MPD C . 6.25 -15.73 -26.27
C2 MPD C . 5.37 -15.95 -25.03
O2 MPD C . 5.78 -15.12 -23.91
CM MPD C . 5.45 -17.41 -24.61
C3 MPD C . 3.92 -15.59 -25.31
C4 MPD C . 3.59 -14.09 -25.32
O4 MPD C . 4.74 -13.29 -25.51
C5 MPD C . 2.52 -13.79 -26.36
C1 GOL D . -20.87 -12.05 -24.76
O1 GOL D . -20.02 -12.57 -25.74
C2 GOL D . -21.07 -13.21 -23.77
O2 GOL D . -21.67 -12.80 -22.59
C3 GOL D . -21.88 -14.28 -24.54
O3 GOL D . -21.60 -15.48 -23.89
C1 GOL E . 0.12 -9.41 -30.22
O1 GOL E . 1.50 -9.59 -30.26
C2 GOL E . -0.48 -10.82 -30.00
O2 GOL E . -1.77 -10.76 -29.49
C3 GOL E . -0.43 -11.49 -31.40
O3 GOL E . 0.21 -12.73 -31.25
N GLN F . -1.46 -12.57 -8.69
CA GLN F . -2.24 -13.35 -9.68
C GLN F . -2.11 -14.85 -9.38
O GLN F . -2.73 -15.65 -10.03
CB GLN F . -1.73 -13.02 -11.08
CG GLN F . -0.30 -13.46 -11.37
CD GLN F . 0.09 -13.17 -12.79
OE1 GLN F . -0.74 -12.93 -13.66
NE2 GLN F . 1.39 -13.16 -13.04
OXT GLN F . -1.36 -15.16 -8.46
H1 GLN F . -1.96 -12.44 -7.93
H2 GLN F . -1.24 -11.78 -9.03
H3 GLN F . -0.72 -13.01 -8.47
HA GLN F . -3.18 -13.09 -9.61
HB2 GLN F . -2.33 -13.44 -11.73
HB3 GLN F . -1.80 -12.05 -11.21
HG2 GLN F . 0.29 -12.99 -10.75
HG3 GLN F . -0.22 -14.42 -11.20
HE21 GLN F . 1.69 -12.93 -13.83
HE22 GLN F . 1.96 -13.38 -12.40
NA NA G . -7.67 -17.32 0.44
NA NA H . -9.56 -16.32 -4.44
C1 GOL I . 6.63 31.17 10.51
O1 GOL I . 5.28 30.80 10.42
C2 GOL I . 7.31 30.16 11.47
O2 GOL I . 6.60 30.00 12.65
C3 GOL I . 7.41 28.83 10.66
O3 GOL I . 8.65 28.24 11.05
C1 PEG J . 23.13 18.89 5.08
O1 PEG J . 22.36 19.94 4.52
C2 PEG J . 22.33 18.09 6.09
O2 PEG J . 22.74 18.44 7.41
C3 PEG J . 22.58 17.39 8.36
C4 PEG J . 23.46 16.22 8.00
O4 PEG J . 23.93 15.55 9.15
C1 GOL K . 1.90 -0.93 17.92
O1 GOL K . 3.02 -1.67 17.55
C2 GOL K . 1.24 -1.71 19.06
O2 GOL K . 0.32 -0.94 19.71
C3 GOL K . 0.62 -3.00 18.40
O3 GOL K . -0.62 -2.66 17.82
N GLN L . 0.40 8.66 12.50
CA GLN L . 1.19 9.49 13.46
C GLN L . 0.51 9.44 14.84
O GLN L . -0.60 8.93 14.89
CB GLN L . 1.29 10.92 12.93
CG GLN L . -0.05 11.62 12.80
CD GLN L . 0.10 13.08 12.44
OE1 GLN L . -0.86 13.74 12.07
NE2 GLN L . 1.30 13.59 12.59
OXT GLN L . 1.08 9.89 15.79
H1 GLN L . 0.58 8.95 11.65
H2 GLN L . -0.45 8.75 12.67
H3 GLN L . 0.64 7.81 12.58
HA GLN L . 2.09 9.11 13.54
HB2 GLN L . 1.86 11.42 13.54
HB3 GLN L . 1.73 10.89 12.06
HG2 GLN L . -0.57 11.17 12.10
HG3 GLN L . -0.55 11.54 13.63
HE21 GLN L . 1.86 13.59 11.90
HE22 GLN L . 1.55 13.93 13.36
NA NA M . 5.58 2.85 17.92
NA NA N . 0.27 0.29 15.37
#